data_8Y0F
#
_entry.id   8Y0F
#
_entity_poly.entity_id   1
_entity_poly.type   'polydeoxyribonucleotide'
_entity_poly.pdbx_seq_one_letter_code
;(DA)(DT)(DC)(DT)(DA)(DA)(DC)(DT)(DG)(DC)(DT)(DG)(DC)(DG)(DC)(DC)(DG)(DC)(DC)(DG)
(DG)(DG)(DA)(DA)(DA)(DA)(DT)(DA)(DC)(DT)(DG)(DT)(DA)(DC)(DG)(DG)(DT)(DT)(DA)(DG)
(DA)
;
_entity_poly.pdbx_strand_id   A
#